data_5FF8
#
_entry.id   5FF8
#
_cell.length_a   96.905
_cell.length_b   52.501
_cell.length_c   81.212
_cell.angle_alpha   90.000
_cell.angle_beta   95.200
_cell.angle_gamma   90.000
#
_symmetry.space_group_name_H-M   'C 1 2 1'
#
loop_
_entity.id
_entity.type
_entity.pdbx_description
1 polymer 'G/T mismatch-specific thymine DNA glycosylase'
2 polymer DNA
3 polymer DNA
4 water water
#
loop_
_entity_poly.entity_id
_entity_poly.type
_entity_poly.pdbx_seq_one_letter_code
_entity_poly.pdbx_strand_id
1 'polypeptide(L)'
;SKKSGKSAKSKEKQEKITDTFKVKRKVDRFNGVSEAELLTKTLPDILTFNLDIVIIGINPGLMAAYKGHHYPGPGNHFWK
CLFMSGLSEVQLNHMDDHTLPGKYGIGFTNMVERTTPGSKDLSSKEFREGGRILVQKLQKYQPRIAVFNGKCIYEIFSKE
VFGVKVKNLEFGLQPHKIPDTETLCYVMPSSSARCAQFPRAQDKVHYYIKLKDLRDQLKGIERNMDV
;
A
2 'polydeoxyribonucleotide'
;(DC)(DA)(DG)(DC)(DT)(DC)(DT)(DG)(DT)(DA)(DC)(DG)(DT)(DG)(DA)(DG)(DC)(DG)(DA)(DT)
(DG)(DG)(DA)(DC)(DA)(DG)(DC)(DT)
;
C
3 'polydeoxyribonucleotide'
;(DA)(DG)(DC)(DT)(DG)(DT)(DC)(DC)(DA)(DT)(DC)(DG)(DC)(DT)(DC)(DA)(AAB)(DG)(DT)
(DA)(DC)(DA)(DG)(DA)(DG)(DC)(DT)(DG)(AAB)(DG)(DT)(DA)(DC)(DA)(DG)(DA)(DG)(DC)
(DT)(DG)
;
D
#
# COMPACT_ATOMS: atom_id res chain seq x y z
N LYS A 26 9.43 -28.79 13.14
CA LYS A 26 9.53 -27.32 13.07
C LYS A 26 10.39 -26.86 11.90
N VAL A 27 9.91 -25.84 11.18
CA VAL A 27 10.59 -25.22 10.05
C VAL A 27 11.03 -23.81 10.47
N ASP A 28 12.34 -23.52 10.31
CA ASP A 28 12.93 -22.23 10.65
C ASP A 28 12.78 -21.26 9.48
N ARG A 29 11.77 -20.42 9.56
CA ARG A 29 11.46 -19.43 8.53
C ARG A 29 12.11 -18.07 8.82
N PHE A 30 12.43 -17.79 10.11
CA PHE A 30 12.91 -16.44 10.47
C PHE A 30 14.28 -16.44 11.16
N ASN A 31 15.17 -17.30 10.64
CA ASN A 31 16.56 -17.35 11.09
C ASN A 31 16.67 -17.38 12.63
N GLY A 32 15.89 -18.23 13.28
CA GLY A 32 15.91 -18.39 14.73
C GLY A 32 15.10 -17.42 15.55
N VAL A 33 14.40 -16.46 14.92
CA VAL A 33 13.53 -15.51 15.62
C VAL A 33 12.13 -16.13 15.69
N SER A 34 11.49 -16.13 16.89
CA SER A 34 10.14 -16.69 17.03
C SER A 34 9.08 -15.83 16.36
N GLU A 35 7.97 -16.48 15.91
CA GLU A 35 6.78 -15.82 15.34
C GLU A 35 6.21 -14.85 16.41
N ALA A 36 6.16 -15.30 17.69
CA ALA A 36 5.69 -14.51 18.83
C ALA A 36 6.45 -13.17 18.97
N GLU A 37 7.80 -13.17 18.76
CA GLU A 37 8.58 -11.93 18.82
C GLU A 37 8.18 -11.01 17.65
N LEU A 38 8.04 -11.57 16.45
CA LEU A 38 7.65 -10.76 15.28
C LEU A 38 6.30 -10.12 15.42
N LEU A 39 5.33 -10.83 16.03
CA LEU A 39 3.96 -10.35 16.25
C LEU A 39 3.91 -9.05 17.07
N THR A 40 4.99 -8.76 17.83
CA THR A 40 5.13 -7.57 18.69
C THR A 40 5.81 -6.39 17.97
N LYS A 41 6.46 -6.67 16.82
CA LYS A 41 7.16 -5.65 16.03
C LYS A 41 6.22 -4.86 15.13
N THR A 42 6.67 -3.67 14.70
CA THR A 42 5.91 -2.82 13.81
C THR A 42 6.81 -2.38 12.67
N LEU A 43 6.20 -1.79 11.65
CA LEU A 43 6.94 -1.35 10.47
C LEU A 43 6.87 0.16 10.36
N PRO A 44 8.01 0.89 10.34
CA PRO A 44 7.92 2.35 10.21
C PRO A 44 7.31 2.86 8.89
N ASP A 45 6.57 3.99 8.96
CA ASP A 45 6.05 4.65 7.76
C ASP A 45 7.26 5.28 7.05
N ILE A 46 7.17 5.47 5.73
CA ILE A 46 8.21 6.19 4.98
C ILE A 46 7.41 7.28 4.28
N LEU A 47 7.23 8.39 4.97
CA LEU A 47 6.41 9.48 4.47
C LEU A 47 7.14 10.80 4.49
N THR A 48 6.90 11.61 3.45
CA THR A 48 7.43 12.98 3.32
C THR A 48 6.28 13.76 2.68
N PHE A 49 6.43 15.08 2.60
CA PHE A 49 5.47 15.95 1.93
C PHE A 49 5.82 15.91 0.42
N ASN A 50 4.90 16.40 -0.42
CA ASN A 50 5.04 16.52 -1.88
C ASN A 50 5.26 15.18 -2.61
N LEU A 51 4.75 14.06 -2.05
CA LEU A 51 4.88 12.76 -2.73
C LEU A 51 3.81 12.64 -3.82
N ASP A 52 4.11 11.87 -4.88
CA ASP A 52 3.10 11.64 -5.91
C ASP A 52 2.20 10.51 -5.42
N ILE A 53 2.81 9.49 -4.78
CA ILE A 53 2.14 8.27 -4.36
C ILE A 53 2.49 7.83 -2.95
N VAL A 54 1.48 7.31 -2.23
CA VAL A 54 1.68 6.66 -0.93
C VAL A 54 1.02 5.30 -1.10
N ILE A 55 1.81 4.24 -0.91
CA ILE A 55 1.37 2.87 -0.99
C ILE A 55 0.87 2.55 0.41
N ILE A 56 -0.41 2.22 0.53
CA ILE A 56 -1.02 1.88 1.81
C ILE A 56 -1.24 0.40 1.87
N GLY A 57 -0.39 -0.31 2.63
CA GLY A 57 -0.53 -1.75 2.83
C GLY A 57 -1.64 -2.01 3.82
N ILE A 58 -2.05 -3.27 3.99
CA ILE A 58 -3.06 -3.66 4.97
C ILE A 58 -2.40 -3.51 6.38
N ASN A 59 -1.28 -4.20 6.58
CA ASN A 59 -0.50 -4.21 7.82
C ASN A 59 0.81 -4.94 7.52
N PRO A 60 1.77 -4.99 8.48
CA PRO A 60 2.99 -5.75 8.22
C PRO A 60 2.69 -7.23 8.33
N GLY A 61 3.23 -8.00 7.40
CA GLY A 61 3.23 -9.45 7.51
C GLY A 61 4.45 -9.82 8.33
N LEU A 62 4.65 -11.09 8.68
CA LEU A 62 5.79 -11.50 9.52
C LEU A 62 7.15 -11.13 8.96
N MET A 63 7.35 -11.31 7.64
CA MET A 63 8.65 -11.01 7.03
C MET A 63 8.91 -9.50 7.06
N ALA A 64 7.88 -8.66 6.80
CA ALA A 64 8.03 -7.21 6.91
C ALA A 64 8.43 -6.82 8.35
N ALA A 65 7.78 -7.40 9.39
CA ALA A 65 8.12 -7.10 10.79
C ALA A 65 9.58 -7.54 11.06
N TYR A 66 9.92 -8.72 10.55
CA TYR A 66 11.28 -9.24 10.66
C TYR A 66 12.33 -8.28 10.05
N LYS A 67 12.15 -7.87 8.78
CA LYS A 67 13.16 -7.08 8.06
C LYS A 67 13.17 -5.60 8.39
N GLY A 68 12.03 -5.08 8.78
CA GLY A 68 11.86 -3.66 9.03
C GLY A 68 11.81 -2.90 7.72
N HIS A 69 11.48 -3.60 6.63
CA HIS A 69 11.37 -2.97 5.32
C HIS A 69 10.06 -3.40 4.64
N HIS A 70 9.64 -2.64 3.63
CA HIS A 70 8.35 -2.83 2.98
C HIS A 70 8.36 -3.90 1.92
N TYR A 71 7.34 -4.78 1.97
CA TYR A 71 7.12 -5.89 1.04
C TYR A 71 8.38 -6.75 0.78
N PRO A 72 8.96 -7.37 1.82
CA PRO A 72 10.14 -8.24 1.58
C PRO A 72 9.78 -9.69 1.22
N GLY A 73 8.49 -10.01 1.27
CA GLY A 73 7.99 -11.35 0.99
C GLY A 73 8.56 -11.83 -0.32
N PRO A 74 9.44 -12.88 -0.31
CA PRO A 74 10.05 -13.37 -1.59
C PRO A 74 9.00 -13.59 -2.69
N GLY A 75 7.77 -13.88 -2.27
CA GLY A 75 6.65 -14.09 -3.18
C GLY A 75 5.78 -12.87 -3.37
N ASN A 76 5.90 -11.85 -2.48
CA ASN A 76 5.08 -10.64 -2.61
C ASN A 76 5.36 -10.03 -3.97
N HIS A 77 4.30 -9.61 -4.66
CA HIS A 77 4.41 -9.08 -6.02
C HIS A 77 4.74 -7.62 -6.13
N PHE A 78 4.72 -6.86 -5.00
CA PHE A 78 4.91 -5.40 -5.05
C PHE A 78 6.13 -4.95 -5.85
N TRP A 79 7.36 -5.34 -5.44
CA TRP A 79 8.58 -4.89 -6.13
C TRP A 79 8.61 -5.34 -7.62
N LYS A 80 8.17 -6.57 -7.91
CA LYS A 80 8.10 -7.08 -9.28
C LYS A 80 7.11 -6.23 -10.13
N CYS A 81 5.91 -5.96 -9.60
CA CYS A 81 4.93 -5.13 -10.32
C CYS A 81 5.41 -3.69 -10.50
N LEU A 82 6.11 -3.12 -9.49
CA LEU A 82 6.66 -1.76 -9.59
C LEU A 82 7.61 -1.66 -10.79
N PHE A 83 8.47 -2.69 -10.97
CA PHE A 83 9.38 -2.74 -12.11
C PHE A 83 8.67 -3.04 -13.43
N MET A 84 7.87 -4.13 -13.49
CA MET A 84 7.18 -4.57 -14.73
C MET A 84 6.26 -3.45 -15.30
N SER A 85 5.72 -2.59 -14.43
CA SER A 85 4.84 -1.48 -14.86
C SER A 85 5.62 -0.27 -15.36
N GLY A 86 6.93 -0.23 -15.07
CA GLY A 86 7.78 0.91 -15.39
C GLY A 86 7.78 1.99 -14.31
N LEU A 87 7.18 1.73 -13.13
CA LEU A 87 7.23 2.69 -12.01
C LEU A 87 8.67 2.84 -11.45
N SER A 88 9.50 1.80 -11.59
CA SER A 88 10.95 1.83 -11.32
C SER A 88 11.63 1.38 -12.64
N GLU A 89 12.81 1.96 -13.00
CA GLU A 89 13.54 1.63 -14.23
CA GLU A 89 13.52 1.61 -14.25
C GLU A 89 14.35 0.33 -14.11
N VAL A 90 14.58 -0.12 -12.87
CA VAL A 90 15.31 -1.35 -12.57
C VAL A 90 14.49 -2.13 -11.56
N GLN A 91 14.78 -3.42 -11.42
CA GLN A 91 14.11 -4.24 -10.40
C GLN A 91 14.69 -3.88 -9.02
N LEU A 92 13.83 -3.35 -8.13
CA LEU A 92 14.23 -2.97 -6.78
C LEU A 92 13.76 -4.04 -5.80
N ASN A 93 14.15 -3.92 -4.53
CA ASN A 93 13.71 -4.87 -3.52
C ASN A 93 13.41 -4.10 -2.23
N HIS A 94 12.92 -4.79 -1.20
CA HIS A 94 12.57 -4.19 0.10
C HIS A 94 13.67 -3.28 0.72
N MET A 95 14.95 -3.57 0.45
CA MET A 95 16.06 -2.78 1.02
C MET A 95 16.15 -1.39 0.39
N ASP A 96 15.46 -1.18 -0.74
CA ASP A 96 15.44 0.08 -1.46
C ASP A 96 14.30 1.03 -1.04
N ASP A 97 13.45 0.61 -0.11
CA ASP A 97 12.25 1.36 0.24
C ASP A 97 12.48 2.82 0.69
N HIS A 98 13.63 3.15 1.32
CA HIS A 98 13.88 4.53 1.77
C HIS A 98 14.28 5.49 0.64
N THR A 99 14.70 4.93 -0.50
CA THR A 99 15.13 5.72 -1.65
C THR A 99 13.93 6.19 -2.48
N LEU A 100 12.75 5.52 -2.31
CA LEU A 100 11.55 5.77 -3.11
C LEU A 100 10.99 7.18 -2.97
N PRO A 101 10.90 7.82 -1.79
CA PRO A 101 10.41 9.19 -1.76
C PRO A 101 11.20 10.15 -2.64
N GLY A 102 12.53 10.20 -2.47
CA GLY A 102 13.38 11.12 -3.22
C GLY A 102 13.59 10.81 -4.68
N LYS A 103 13.72 9.50 -5.03
CA LYS A 103 13.97 9.09 -6.41
CA LYS A 103 13.98 9.08 -6.40
C LYS A 103 12.72 8.90 -7.23
N TYR A 104 11.67 8.30 -6.65
CA TYR A 104 10.45 8.01 -7.39
C TYR A 104 9.20 8.77 -6.95
N GLY A 105 9.26 9.49 -5.85
CA GLY A 105 8.12 10.23 -5.33
C GLY A 105 7.06 9.33 -4.72
N ILE A 106 7.51 8.18 -4.16
CA ILE A 106 6.64 7.16 -3.57
C ILE A 106 6.96 6.92 -2.10
N GLY A 107 5.91 6.86 -1.29
CA GLY A 107 6.04 6.60 0.14
C GLY A 107 5.20 5.40 0.53
N PHE A 108 5.25 5.07 1.84
CA PHE A 108 4.58 3.89 2.40
C PHE A 108 3.98 4.14 3.77
N THR A 109 2.84 3.48 4.02
CA THR A 109 2.19 3.35 5.32
C THR A 109 1.35 2.09 5.26
N ASN A 110 0.63 1.78 6.35
CA ASN A 110 -0.29 0.65 6.44
C ASN A 110 -1.54 1.14 7.10
N MET A 111 -2.67 0.52 6.76
CA MET A 111 -3.96 0.87 7.38
C MET A 111 -3.91 0.48 8.87
N VAL A 112 -3.36 -0.72 9.18
CA VAL A 112 -3.26 -1.28 10.54
C VAL A 112 -1.76 -1.43 10.91
N GLU A 113 -1.39 -1.00 12.14
CA GLU A 113 0.00 -1.05 12.61
C GLU A 113 0.44 -2.47 13.03
N ARG A 114 -0.50 -3.22 13.67
CA ARG A 114 -0.24 -4.54 14.23
C ARG A 114 0.22 -5.57 13.20
N THR A 115 1.30 -6.29 13.51
CA THR A 115 1.81 -7.33 12.63
C THR A 115 0.99 -8.59 12.78
N THR A 116 0.61 -9.25 11.66
CA THR A 116 -0.07 -10.54 11.69
C THR A 116 0.37 -11.42 10.50
N PRO A 117 0.17 -12.76 10.53
CA PRO A 117 0.51 -13.56 9.33
C PRO A 117 -0.29 -13.18 8.06
N GLY A 118 -1.56 -12.81 8.24
CA GLY A 118 -2.43 -12.44 7.12
C GLY A 118 -3.56 -11.49 7.51
N SER A 119 -4.21 -10.91 6.50
CA SER A 119 -5.32 -9.96 6.68
C SER A 119 -6.47 -10.52 7.53
N LYS A 120 -6.69 -11.85 7.46
CA LYS A 120 -7.75 -12.58 8.16
C LYS A 120 -7.65 -12.49 9.69
N ASP A 121 -6.47 -12.16 10.21
CA ASP A 121 -6.27 -12.06 11.66
C ASP A 121 -6.69 -10.69 12.27
N LEU A 122 -7.02 -9.70 11.42
CA LEU A 122 -7.37 -8.34 11.85
C LEU A 122 -8.86 -8.14 12.09
N SER A 123 -9.22 -7.51 13.23
CA SER A 123 -10.63 -7.27 13.59
C SER A 123 -11.19 -5.99 12.95
N SER A 124 -12.53 -5.88 12.86
CA SER A 124 -13.21 -4.71 12.33
C SER A 124 -12.79 -3.43 13.11
N LYS A 125 -12.71 -3.53 14.46
CA LYS A 125 -12.29 -2.42 15.34
C LYS A 125 -10.89 -1.91 14.97
N GLU A 126 -9.92 -2.83 14.74
CA GLU A 126 -8.54 -2.48 14.36
C GLU A 126 -8.52 -1.73 13.06
N PHE A 127 -9.28 -2.23 12.08
CA PHE A 127 -9.38 -1.59 10.77
C PHE A 127 -9.96 -0.17 10.90
N ARG A 128 -11.01 0.01 11.71
CA ARG A 128 -11.63 1.33 11.82
C ARG A 128 -10.74 2.31 12.58
N GLU A 129 -9.99 1.80 13.57
CA GLU A 129 -9.03 2.64 14.29
C GLU A 129 -7.92 3.02 13.27
N GLY A 130 -7.48 2.04 12.47
CA GLY A 130 -6.49 2.32 11.44
C GLY A 130 -6.97 3.36 10.43
N GLY A 131 -8.23 3.27 10.04
CA GLY A 131 -8.85 4.20 9.11
C GLY A 131 -8.80 5.65 9.57
N ARG A 132 -9.11 5.88 10.84
CA ARG A 132 -9.10 7.24 11.41
C ARG A 132 -7.66 7.81 11.42
N ILE A 133 -6.68 7.00 11.86
CA ILE A 133 -5.27 7.38 11.94
C ILE A 133 -4.79 7.64 10.48
N LEU A 134 -5.24 6.80 9.55
CA LEU A 134 -4.84 6.88 8.14
C LEU A 134 -5.30 8.17 7.50
N VAL A 135 -6.59 8.51 7.64
CA VAL A 135 -7.10 9.75 7.03
C VAL A 135 -6.35 10.97 7.63
N GLN A 136 -6.00 10.95 8.94
CA GLN A 136 -5.23 12.05 9.56
C GLN A 136 -3.83 12.15 8.90
N LYS A 137 -3.17 11.02 8.64
CA LYS A 137 -1.86 10.98 8.00
C LYS A 137 -1.93 11.53 6.58
N LEU A 138 -2.95 11.12 5.83
CA LEU A 138 -3.12 11.58 4.44
C LEU A 138 -3.45 13.07 4.39
N GLN A 139 -4.19 13.58 5.38
CA GLN A 139 -4.52 15.01 5.47
C GLN A 139 -3.28 15.83 5.82
N LYS A 140 -2.28 15.20 6.45
CA LYS A 140 -1.04 15.88 6.84
C LYS A 140 -0.08 15.92 5.63
N TYR A 141 0.23 14.75 5.05
CA TYR A 141 1.19 14.62 3.94
C TYR A 141 0.65 14.98 2.58
N GLN A 142 -0.66 14.79 2.37
CA GLN A 142 -1.35 15.17 1.14
C GLN A 142 -0.63 14.70 -0.14
N PRO A 143 -0.41 13.38 -0.29
CA PRO A 143 0.21 12.88 -1.53
C PRO A 143 -0.74 13.14 -2.72
N ARG A 144 -0.25 13.14 -3.95
CA ARG A 144 -1.17 13.31 -5.09
C ARG A 144 -2.17 12.12 -5.15
N ILE A 145 -1.72 10.90 -4.79
CA ILE A 145 -2.54 9.68 -4.86
C ILE A 145 -2.34 8.78 -3.63
N ALA A 146 -3.45 8.43 -2.95
CA ALA A 146 -3.43 7.48 -1.83
C ALA A 146 -3.75 6.14 -2.48
N VAL A 147 -2.77 5.22 -2.48
CA VAL A 147 -2.92 3.91 -3.16
C VAL A 147 -3.23 2.83 -2.15
N PHE A 148 -4.43 2.26 -2.20
CA PHE A 148 -4.80 1.19 -1.28
C PHE A 148 -4.33 -0.10 -1.91
N ASN A 149 -3.31 -0.67 -1.27
CA ASN A 149 -2.72 -1.94 -1.65
C ASN A 149 -3.55 -3.05 -1.02
N GLY A 150 -4.72 -3.27 -1.56
CA GLY A 150 -5.70 -4.23 -1.06
C GLY A 150 -7.12 -3.68 -1.07
N LYS A 151 -8.06 -4.47 -1.58
CA LYS A 151 -9.47 -4.07 -1.67
C LYS A 151 -10.10 -3.97 -0.30
N CYS A 152 -9.82 -4.95 0.60
CA CYS A 152 -10.37 -5.06 1.94
C CYS A 152 -10.23 -3.78 2.77
N ILE A 153 -9.08 -3.11 2.69
CA ILE A 153 -8.87 -1.88 3.47
C ILE A 153 -9.61 -0.69 2.86
N TYR A 154 -9.75 -0.67 1.51
CA TYR A 154 -10.57 0.40 0.93
C TYR A 154 -12.06 0.20 1.24
N GLU A 155 -12.54 -1.06 1.32
CA GLU A 155 -13.94 -1.37 1.69
C GLU A 155 -14.27 -0.72 3.05
N ILE A 156 -13.37 -0.88 4.05
CA ILE A 156 -13.53 -0.30 5.39
C ILE A 156 -13.38 1.21 5.34
N PHE A 157 -12.32 1.70 4.67
CA PHE A 157 -12.05 3.13 4.56
C PHE A 157 -13.22 3.89 3.93
N SER A 158 -13.77 3.38 2.82
CA SER A 158 -14.90 4.00 2.12
C SER A 158 -16.12 4.20 3.04
N LYS A 159 -16.52 3.13 3.76
CA LYS A 159 -17.69 3.15 4.65
C LYS A 159 -17.46 4.10 5.84
N GLU A 160 -16.24 4.11 6.37
CA GLU A 160 -15.85 4.89 7.52
C GLU A 160 -15.62 6.38 7.24
N VAL A 161 -14.96 6.70 6.12
CA VAL A 161 -14.57 8.07 5.78
C VAL A 161 -15.57 8.78 4.86
N PHE A 162 -16.11 8.09 3.86
CA PHE A 162 -17.04 8.68 2.90
C PHE A 162 -18.51 8.31 3.18
N GLY A 163 -18.72 7.37 4.10
CA GLY A 163 -20.05 6.89 4.47
C GLY A 163 -20.70 6.17 3.31
N VAL A 164 -19.86 5.57 2.44
CA VAL A 164 -20.27 4.91 1.22
C VAL A 164 -19.92 3.43 1.25
N LYS A 165 -20.93 2.58 0.98
CA LYS A 165 -20.79 1.14 0.89
C LYS A 165 -21.52 0.72 -0.38
N VAL A 166 -20.77 0.35 -1.44
CA VAL A 166 -21.34 -0.08 -2.72
C VAL A 166 -21.42 -1.61 -2.79
N LYS A 167 -22.41 -2.16 -3.54
CA LYS A 167 -22.55 -3.61 -3.67
C LYS A 167 -21.34 -4.18 -4.44
N ASN A 168 -20.89 -3.45 -5.48
CA ASN A 168 -19.77 -3.84 -6.31
C ASN A 168 -18.65 -2.78 -6.28
N LEU A 169 -17.78 -2.87 -5.25
CA LEU A 169 -16.65 -1.94 -5.15
C LEU A 169 -15.71 -2.34 -6.28
N GLU A 170 -15.15 -1.37 -6.99
CA GLU A 170 -14.22 -1.72 -8.07
C GLU A 170 -12.79 -1.26 -7.78
N PHE A 171 -11.81 -1.84 -8.49
CA PHE A 171 -10.44 -1.40 -8.34
C PHE A 171 -10.27 -0.09 -9.13
N GLY A 172 -9.07 0.47 -9.06
CA GLY A 172 -8.73 1.67 -9.81
C GLY A 172 -9.14 2.94 -9.10
N LEU A 173 -9.28 4.00 -9.88
CA LEU A 173 -9.62 5.31 -9.37
C LEU A 173 -11.00 5.35 -8.73
N GLN A 174 -11.03 5.83 -7.47
CA GLN A 174 -12.26 6.01 -6.69
C GLN A 174 -12.87 7.42 -6.86
N PRO A 175 -14.22 7.55 -6.77
CA PRO A 175 -14.82 8.86 -7.05
C PRO A 175 -14.86 9.82 -5.85
N HIS A 176 -13.93 9.64 -4.86
CA HIS A 176 -13.85 10.46 -3.66
CA HIS A 176 -13.85 10.46 -3.65
C HIS A 176 -12.41 10.87 -3.33
N LYS A 177 -12.20 12.16 -3.03
CA LYS A 177 -10.87 12.68 -2.65
C LYS A 177 -10.79 12.61 -1.13
N ILE A 178 -9.57 12.50 -0.55
CA ILE A 178 -9.44 12.50 0.91
C ILE A 178 -10.05 13.82 1.42
N PRO A 179 -10.89 13.82 2.47
CA PRO A 179 -11.55 15.08 2.90
C PRO A 179 -10.58 16.23 3.17
N ASP A 180 -10.91 17.43 2.66
CA ASP A 180 -10.11 18.68 2.81
C ASP A 180 -8.76 18.65 2.07
N THR A 181 -8.61 17.74 1.08
CA THR A 181 -7.37 17.62 0.30
C THR A 181 -7.73 17.39 -1.18
N GLU A 182 -6.72 17.37 -2.06
CA GLU A 182 -6.85 17.06 -3.48
C GLU A 182 -6.37 15.63 -3.73
N THR A 183 -6.10 14.87 -2.65
CA THR A 183 -5.59 13.49 -2.73
C THR A 183 -6.60 12.49 -3.27
N LEU A 184 -6.27 11.86 -4.39
CA LEU A 184 -7.10 10.84 -5.03
C LEU A 184 -6.95 9.51 -4.28
N CYS A 185 -7.94 8.60 -4.44
CA CYS A 185 -7.92 7.26 -3.85
C CYS A 185 -7.88 6.26 -4.98
N TYR A 186 -6.87 5.41 -4.97
CA TYR A 186 -6.68 4.42 -6.04
C TYR A 186 -6.51 3.07 -5.39
N VAL A 187 -7.29 2.07 -5.85
CA VAL A 187 -7.37 0.75 -5.23
C VAL A 187 -6.80 -0.29 -6.14
N MET A 188 -5.98 -1.18 -5.57
CA MET A 188 -5.37 -2.28 -6.33
C MET A 188 -5.59 -3.58 -5.57
N PRO A 189 -5.62 -4.74 -6.25
CA PRO A 189 -5.67 -6.01 -5.52
C PRO A 189 -4.37 -6.11 -4.73
N SER A 190 -4.43 -6.69 -3.55
CA SER A 190 -3.28 -6.82 -2.68
C SER A 190 -2.09 -7.47 -3.38
N SER A 191 -0.87 -6.92 -3.17
CA SER A 191 0.37 -7.46 -3.73
C SER A 191 0.72 -8.83 -3.13
N SER A 192 0.01 -9.22 -2.03
CA SER A 192 0.27 -10.52 -1.41
C SER A 192 -0.09 -11.67 -2.40
N ALA A 193 0.80 -12.69 -2.47
CA ALA A 193 0.58 -13.84 -3.34
C ALA A 193 -0.42 -14.80 -2.69
N ARG A 194 -0.96 -14.46 -1.49
CA ARG A 194 -2.01 -15.29 -0.88
C ARG A 194 -3.26 -15.24 -1.76
N CYS A 195 -3.43 -14.14 -2.46
CA CYS A 195 -4.63 -13.91 -3.26
C CYS A 195 -4.68 -14.72 -4.54
N ALA A 196 -5.53 -15.75 -4.58
CA ALA A 196 -5.66 -16.64 -5.73
C ALA A 196 -6.32 -16.04 -6.98
N GLN A 197 -7.19 -14.99 -6.86
CA GLN A 197 -7.90 -14.38 -8.00
C GLN A 197 -6.96 -13.69 -9.02
N PHE A 198 -5.79 -13.21 -8.55
CA PHE A 198 -4.76 -12.58 -9.39
C PHE A 198 -3.53 -13.37 -9.02
N PRO A 199 -3.45 -14.61 -9.55
CA PRO A 199 -2.41 -15.54 -9.07
C PRO A 199 -0.96 -15.14 -9.27
N ARG A 200 -0.67 -14.29 -10.25
CA ARG A 200 0.73 -13.92 -10.54
C ARG A 200 0.90 -12.42 -10.48
N ALA A 201 2.16 -11.93 -10.38
CA ALA A 201 2.53 -10.52 -10.48
C ALA A 201 1.95 -9.96 -11.81
N GLN A 202 2.08 -10.75 -12.92
CA GLN A 202 1.55 -10.43 -14.25
C GLN A 202 0.04 -10.09 -14.19
N ASP A 203 -0.71 -10.76 -13.32
CA ASP A 203 -2.15 -10.48 -13.25
C ASP A 203 -2.52 -9.18 -12.51
N LYS A 204 -1.53 -8.53 -11.84
CA LYS A 204 -1.73 -7.32 -11.07
C LYS A 204 -1.10 -6.10 -11.69
N VAL A 205 -0.16 -6.34 -12.63
CA VAL A 205 0.63 -5.29 -13.28
C VAL A 205 -0.27 -4.23 -13.99
N HIS A 206 -1.40 -4.66 -14.56
CA HIS A 206 -2.36 -3.73 -15.20
C HIS A 206 -2.66 -2.51 -14.27
N TYR A 207 -2.96 -2.77 -12.99
CA TYR A 207 -3.30 -1.71 -12.01
C TYR A 207 -2.12 -0.77 -11.72
N TYR A 208 -0.86 -1.30 -11.78
CA TYR A 208 0.36 -0.51 -11.55
C TYR A 208 0.63 0.39 -12.75
N ILE A 209 0.38 -0.13 -13.96
CA ILE A 209 0.51 0.61 -15.23
C ILE A 209 -0.51 1.78 -15.23
N LYS A 210 -1.79 1.50 -14.87
CA LYS A 210 -2.85 2.51 -14.80
C LYS A 210 -2.55 3.56 -13.70
N LEU A 211 -1.86 3.14 -12.61
CA LEU A 211 -1.37 4.02 -11.55
C LEU A 211 -0.33 4.98 -12.15
N LYS A 212 0.68 4.46 -12.87
CA LYS A 212 1.75 5.24 -13.52
C LYS A 212 1.13 6.26 -14.49
N ASP A 213 0.16 5.81 -15.31
CA ASP A 213 -0.55 6.66 -16.27
C ASP A 213 -1.27 7.81 -15.53
N LEU A 214 -1.94 7.50 -14.39
CA LEU A 214 -2.66 8.49 -13.60
C LEU A 214 -1.67 9.51 -13.01
N ARG A 215 -0.51 9.03 -12.48
CA ARG A 215 0.56 9.85 -11.94
C ARG A 215 1.08 10.80 -13.02
N ASP A 216 1.45 10.26 -14.21
CA ASP A 216 1.98 11.03 -15.35
C ASP A 216 0.99 12.06 -15.85
N GLN A 217 -0.33 11.75 -15.81
CA GLN A 217 -1.41 12.66 -16.24
C GLN A 217 -1.51 13.84 -15.26
N LEU A 218 -1.38 13.57 -13.94
CA LEU A 218 -1.43 14.59 -12.89
C LEU A 218 -0.24 15.53 -12.97
N LYS A 219 0.95 14.98 -13.26
CA LYS A 219 2.18 15.76 -13.38
C LYS A 219 2.20 16.63 -14.66
N GLY A 220 1.37 16.27 -15.65
CA GLY A 220 1.22 17.00 -16.91
C GLY A 220 0.36 18.23 -16.75
N ILE A 221 -0.79 18.09 -16.03
CA ILE A 221 -1.74 19.17 -15.73
C ILE A 221 -1.07 20.22 -14.82
N GLU A 222 -0.38 19.75 -13.75
CA GLU A 222 0.34 20.58 -12.77
C GLU A 222 1.47 21.41 -13.38
N ARG A 223 2.28 20.80 -14.29
CA ARG A 223 3.37 21.48 -14.98
C ARG A 223 2.70 22.35 -16.05
N ASN A 224 2.25 23.56 -15.62
CA ASN A 224 1.49 24.56 -16.39
C ASN A 224 0.12 24.03 -16.81
#